data_7TJ4
#
_entry.id   7TJ4
#
_cell.length_a   44.600
_cell.length_b   71.260
_cell.length_c   190.400
_cell.angle_alpha   90.000
_cell.angle_beta   90.000
_cell.angle_gamma   90.000
#
_symmetry.space_group_name_H-M   'P 2 21 21'
#
loop_
_entity.id
_entity.type
_entity.pdbx_description
1 polymer ActH
2 polymer LytH
3 non-polymer 'ZINC ION'
4 water water
#
loop_
_entity_poly.entity_id
_entity_poly.type
_entity_poly.pdbx_seq_one_letter_code
_entity_poly.pdbx_strand_id
1 'polypeptide(L)'
;EVLFQGPKEDNIYNKLIKDDMTSGNYDNAQNIAKQTINKNYADDQTYYLSGMIMATINSKSEGMTEWERGLRMFPKSGLL
NFELAIANRSLNDDEKALKYVRKALNADPKNTDYINLEKELT
;
A,C
2 'polypeptide(L)'
;MLQGKTIVLDPGHGGSDQGASSNTKYKSLEKDYTLKTAKELQRTLEKEGATVKMTRTDDTYVSLENRDIKGDAYLSIHND
ALESSNANGMTVYWYHDNQRALADTLDATIQKKGLLSNRGSRQENYQVLAQTKVPAVLLELGYISNPTDETMIKDQLHRQ
ILEQAIVDGLKIYFSA
;
B,D
#
# COMPACT_ATOMS: atom_id res chain seq x y z
N GLU A 1 21.65 17.68 -52.36
CA GLU A 1 21.37 19.03 -51.93
C GLU A 1 21.35 19.10 -50.40
N VAL A 2 20.62 20.10 -49.90
CA VAL A 2 20.37 20.36 -48.49
C VAL A 2 19.83 19.16 -47.71
N LEU A 3 19.45 18.07 -48.38
CA LEU A 3 18.84 16.94 -47.69
C LEU A 3 19.85 15.92 -47.19
N PHE A 4 21.15 16.22 -47.29
CA PHE A 4 22.11 15.41 -46.57
C PHE A 4 22.50 16.03 -45.25
N GLN A 5 22.21 17.32 -45.07
CA GLN A 5 22.33 17.92 -43.76
C GLN A 5 21.14 17.58 -42.88
N GLY A 6 20.04 17.12 -43.45
CA GLY A 6 18.86 16.78 -42.69
C GLY A 6 18.81 15.32 -42.28
N PRO A 7 17.83 14.96 -41.44
CA PRO A 7 17.74 13.56 -40.97
C PRO A 7 17.36 12.60 -42.09
N LYS A 8 17.70 11.33 -41.87
CA LYS A 8 17.37 10.29 -42.84
C LYS A 8 15.86 10.07 -42.87
N GLU A 9 15.30 10.15 -44.06
CA GLU A 9 13.87 9.94 -44.20
C GLU A 9 13.49 8.49 -43.92
N ASP A 10 12.52 8.29 -43.03
CA ASP A 10 11.88 6.99 -42.86
C ASP A 10 11.27 6.54 -44.18
N ASN A 11 11.32 5.23 -44.45
CA ASN A 11 10.58 4.81 -45.63
C ASN A 11 9.11 4.65 -45.27
N ILE A 12 8.28 4.47 -46.29
CA ILE A 12 6.84 4.54 -46.05
C ILE A 12 6.38 3.49 -45.05
N TYR A 13 7.01 2.32 -45.06
CA TYR A 13 6.54 1.22 -44.20
C TYR A 13 6.81 1.53 -42.74
N ASN A 14 8.02 1.97 -42.45
CA ASN A 14 8.41 2.34 -41.10
C ASN A 14 7.57 3.48 -40.58
N LYS A 15 7.27 4.48 -41.43
CA LYS A 15 6.41 5.55 -40.95
C LYS A 15 5.02 5.03 -40.57
N LEU A 16 4.45 4.13 -41.37
CA LEU A 16 3.14 3.57 -41.04
C LEU A 16 3.19 2.74 -39.76
N ILE A 17 4.23 1.95 -39.59
CA ILE A 17 4.36 1.17 -38.38
C ILE A 17 4.43 2.09 -37.17
N LYS A 18 5.28 3.12 -37.25
CA LYS A 18 5.48 4.02 -36.12
C LYS A 18 4.20 4.75 -35.78
N ASP A 19 3.48 5.20 -36.80
CA ASP A 19 2.26 5.96 -36.57
C ASP A 19 1.20 5.11 -35.87
N ASP A 20 1.11 3.81 -36.19
CA ASP A 20 0.20 2.93 -35.45
C ASP A 20 0.68 2.71 -34.01
N MET A 21 2.00 2.61 -33.83
CA MET A 21 2.54 2.39 -32.49
C MET A 21 2.27 3.58 -31.59
N THR A 22 2.47 4.82 -32.08
CA THR A 22 2.29 5.99 -31.25
C THR A 22 0.84 6.37 -31.06
N SER A 23 -0.07 5.81 -31.86
CA SER A 23 -1.48 5.99 -31.61
C SER A 23 -2.06 4.83 -30.81
N GLY A 24 -1.20 3.91 -30.36
CA GLY A 24 -1.60 2.77 -29.55
C GLY A 24 -2.31 1.67 -30.29
N ASN A 25 -2.15 1.58 -31.60
CA ASN A 25 -2.76 0.51 -32.39
C ASN A 25 -1.69 -0.51 -32.74
N TYR A 26 -1.20 -1.16 -31.68
CA TYR A 26 -0.11 -2.12 -31.81
C TYR A 26 -0.55 -3.35 -32.61
N ASP A 27 -1.83 -3.66 -32.67
CA ASP A 27 -2.24 -4.77 -33.52
C ASP A 27 -1.96 -4.45 -34.98
N ASN A 28 -2.38 -3.26 -35.43
CA ASN A 28 -2.16 -2.96 -36.83
C ASN A 28 -0.71 -2.68 -37.11
N ALA A 29 0.05 -2.18 -36.12
CA ALA A 29 1.49 -2.01 -36.30
C ALA A 29 2.16 -3.35 -36.57
N GLN A 30 1.81 -4.37 -35.79
CA GLN A 30 2.44 -5.68 -35.89
C GLN A 30 2.15 -6.30 -37.26
N ASN A 31 0.93 -6.11 -37.73
CA ASN A 31 0.56 -6.67 -39.04
C ASN A 31 1.33 -5.95 -40.15
N ILE A 32 1.42 -4.63 -40.10
CA ILE A 32 2.21 -3.93 -41.10
C ILE A 32 3.67 -4.36 -41.02
N ALA A 33 4.25 -4.47 -39.81
CA ALA A 33 5.65 -4.90 -39.68
C ALA A 33 5.85 -6.31 -40.23
N LYS A 34 4.94 -7.24 -39.89
CA LYS A 34 5.03 -8.62 -40.35
C LYS A 34 5.06 -8.68 -41.88
N GLN A 35 4.16 -7.93 -42.52
CA GLN A 35 4.06 -8.00 -43.98
C GLN A 35 5.29 -7.41 -44.64
N THR A 36 5.87 -6.36 -44.02
CA THR A 36 7.07 -5.71 -44.53
C THR A 36 8.26 -6.64 -44.47
N ILE A 37 8.40 -7.34 -43.36
CA ILE A 37 9.47 -8.32 -43.22
C ILE A 37 9.28 -9.48 -44.17
N ASN A 38 8.05 -9.97 -44.31
CA ASN A 38 7.83 -11.14 -45.15
C ASN A 38 7.99 -10.84 -46.65
N LYS A 39 7.65 -9.63 -47.09
CA LYS A 39 7.87 -9.26 -48.48
C LYS A 39 9.32 -8.91 -48.75
N ASN A 40 10.19 -8.91 -47.74
CA ASN A 40 11.58 -8.48 -47.88
C ASN A 40 11.66 -6.99 -48.24
N TYR A 41 10.73 -6.18 -47.72
CA TYR A 41 10.76 -4.72 -47.85
C TYR A 41 11.35 -4.05 -46.59
N ALA A 42 11.80 -4.85 -45.63
CA ALA A 42 12.23 -4.37 -44.31
C ALA A 42 13.67 -3.88 -44.34
N ASP A 43 13.94 -2.80 -43.62
CA ASP A 43 15.30 -2.43 -43.30
C ASP A 43 15.50 -2.63 -41.79
N ASP A 44 16.67 -2.23 -41.29
CA ASP A 44 16.96 -2.50 -39.90
C ASP A 44 15.97 -1.80 -38.97
N GLN A 45 15.51 -0.59 -39.35
CA GLN A 45 14.47 0.04 -38.52
C GLN A 45 13.19 -0.80 -38.49
N THR A 46 12.84 -1.49 -39.57
CA THR A 46 11.63 -2.33 -39.53
C THR A 46 11.76 -3.43 -38.50
N TYR A 47 12.93 -4.12 -38.44
CA TYR A 47 13.14 -5.16 -37.44
C TYR A 47 13.18 -4.57 -36.02
N TYR A 48 13.83 -3.42 -35.86
CA TYR A 48 13.80 -2.68 -34.59
C TYR A 48 12.36 -2.44 -34.14
N LEU A 49 11.55 -1.82 -34.99
CA LEU A 49 10.19 -1.50 -34.61
C LEU A 49 9.41 -2.77 -34.33
N SER A 50 9.63 -3.81 -35.13
CA SER A 50 8.91 -5.06 -34.94
C SER A 50 9.17 -5.64 -33.55
N GLY A 51 10.45 -5.69 -33.14
CA GLY A 51 10.73 -6.17 -31.79
C GLY A 51 10.26 -5.24 -30.68
N MET A 52 10.25 -3.93 -30.94
CA MET A 52 9.68 -3.00 -29.95
C MET A 52 8.21 -3.28 -29.72
N ILE A 53 7.49 -3.55 -30.80
CA ILE A 53 6.10 -3.96 -30.70
C ILE A 53 5.96 -5.21 -29.86
N MET A 54 6.83 -6.18 -30.09
CA MET A 54 6.76 -7.42 -29.34
C MET A 54 7.10 -7.19 -27.86
N ALA A 55 8.11 -6.37 -27.59
CA ALA A 55 8.34 -6.00 -26.20
C ALA A 55 7.12 -5.34 -25.56
N THR A 56 6.33 -4.60 -26.34
CA THR A 56 5.18 -3.89 -25.78
C THR A 56 4.01 -4.81 -25.52
N ILE A 57 3.69 -5.69 -26.48
CA ILE A 57 2.46 -6.46 -26.34
C ILE A 57 2.71 -7.93 -26.10
N ASN A 58 3.94 -8.42 -26.26
CA ASN A 58 4.23 -9.84 -26.03
C ASN A 58 5.21 -10.02 -24.85
N SER A 59 6.52 -9.83 -25.10
CA SER A 59 7.51 -9.96 -24.05
C SER A 59 8.82 -9.38 -24.54
N LYS A 60 9.69 -9.01 -23.60
CA LYS A 60 11.02 -8.56 -23.95
C LYS A 60 11.80 -9.65 -24.67
N SER A 61 11.68 -10.88 -24.18
CA SER A 61 12.32 -12.04 -24.81
C SER A 61 11.98 -12.18 -26.29
N GLU A 62 10.70 -12.02 -26.66
CA GLU A 62 10.34 -12.11 -28.06
C GLU A 62 10.84 -10.92 -28.84
N GLY A 63 10.90 -9.76 -28.20
CA GLY A 63 11.47 -8.61 -28.87
C GLY A 63 12.93 -8.81 -29.20
N MET A 64 13.68 -9.38 -28.26
CA MET A 64 15.10 -9.59 -28.48
C MET A 64 15.34 -10.61 -29.58
N THR A 65 14.52 -11.66 -29.63
CA THR A 65 14.57 -12.60 -30.76
C THR A 65 14.42 -11.88 -32.09
N GLU A 66 13.47 -10.95 -32.16
CA GLU A 66 13.23 -10.22 -33.41
C GLU A 66 14.40 -9.31 -33.77
N TRP A 67 15.02 -8.66 -32.77
CA TRP A 67 16.18 -7.83 -33.08
C TRP A 67 17.35 -8.67 -33.54
N GLU A 68 17.54 -9.87 -32.96
CA GLU A 68 18.64 -10.72 -33.37
C GLU A 68 18.43 -11.22 -34.80
N ARG A 69 17.18 -11.49 -35.15
CA ARG A 69 16.85 -11.84 -36.52
C ARG A 69 17.22 -10.70 -37.48
N GLY A 70 16.87 -9.47 -37.11
CA GLY A 70 17.24 -8.32 -37.91
C GLY A 70 18.73 -8.20 -38.13
N LEU A 71 19.53 -8.49 -37.11
CA LEU A 71 21.00 -8.45 -37.24
C LEU A 71 21.53 -9.48 -38.21
N ARG A 72 20.85 -10.62 -38.40
CA ARG A 72 21.32 -11.54 -39.41
C ARG A 72 21.25 -10.90 -40.80
N MET A 73 20.25 -10.07 -41.05
CA MET A 73 20.06 -9.36 -42.31
C MET A 73 20.85 -8.05 -42.36
N PHE A 74 21.05 -7.43 -41.19
CA PHE A 74 21.70 -6.13 -41.06
C PHE A 74 22.77 -6.17 -39.97
N PRO A 75 23.86 -6.90 -40.23
CA PRO A 75 24.89 -7.12 -39.19
C PRO A 75 25.57 -5.86 -38.66
N LYS A 76 25.61 -4.78 -39.45
CA LYS A 76 26.26 -3.55 -39.04
C LYS A 76 25.27 -2.50 -38.55
N SER A 77 24.05 -2.90 -38.19
CA SER A 77 23.05 -1.94 -37.78
C SER A 77 23.40 -1.43 -36.38
N GLY A 78 23.69 -0.15 -36.27
CA GLY A 78 23.89 0.46 -34.97
C GLY A 78 22.62 0.43 -34.12
N LEU A 79 21.48 0.74 -34.74
CA LEU A 79 20.17 0.68 -34.10
C LEU A 79 19.94 -0.66 -33.40
N LEU A 80 20.09 -1.76 -34.14
CA LEU A 80 19.77 -3.06 -33.57
C LEU A 80 20.85 -3.50 -32.57
N ASN A 81 22.11 -3.17 -32.83
CA ASN A 81 23.16 -3.55 -31.91
C ASN A 81 23.03 -2.75 -30.62
N PHE A 82 22.72 -1.46 -30.71
CA PHE A 82 22.55 -0.68 -29.50
C PHE A 82 21.36 -1.19 -28.72
N GLU A 83 20.27 -1.48 -29.41
CA GLU A 83 19.08 -1.91 -28.69
C GLU A 83 19.32 -3.22 -27.97
N LEU A 84 20.08 -4.13 -28.60
CA LEU A 84 20.37 -5.38 -27.91
C LEU A 84 21.41 -5.20 -26.81
N ALA A 85 22.29 -4.20 -26.91
CA ALA A 85 23.14 -3.89 -25.76
C ALA A 85 22.28 -3.42 -24.60
N ILE A 86 21.33 -2.51 -24.85
CA ILE A 86 20.44 -2.06 -23.77
C ILE A 86 19.69 -3.24 -23.15
N ALA A 87 19.09 -4.06 -24.02
CA ALA A 87 18.32 -5.20 -23.53
C ALA A 87 19.17 -6.13 -22.70
N ASN A 88 20.42 -6.42 -23.14
CA ASN A 88 21.20 -7.36 -22.36
C ASN A 88 21.65 -6.76 -21.04
N ARG A 89 21.89 -5.45 -21.02
CA ARG A 89 22.12 -4.78 -19.74
C ARG A 89 20.92 -4.96 -18.81
N SER A 90 19.69 -4.91 -19.35
CA SER A 90 18.53 -5.01 -18.47
C SER A 90 18.39 -6.42 -17.92
N LEU A 91 18.99 -7.40 -18.57
CA LEU A 91 19.03 -8.78 -18.08
C LEU A 91 20.31 -9.07 -17.29
N ASN A 92 21.12 -8.05 -17.01
CA ASN A 92 22.33 -8.18 -16.20
C ASN A 92 23.35 -9.10 -16.87
N ASP A 93 23.32 -9.13 -18.20
CA ASP A 93 24.35 -9.81 -19.00
C ASP A 93 25.23 -8.74 -19.61
N ASP A 94 26.08 -8.16 -18.78
CA ASP A 94 26.86 -7.01 -19.20
C ASP A 94 28.01 -7.40 -20.12
N GLU A 95 28.47 -8.65 -20.11
CA GLU A 95 29.51 -9.04 -21.06
C GLU A 95 28.95 -9.12 -22.48
N LYS A 96 27.78 -9.74 -22.62
CA LYS A 96 27.11 -9.72 -23.90
C LYS A 96 26.72 -8.29 -24.28
N ALA A 97 26.17 -7.51 -23.34
CA ALA A 97 25.80 -6.13 -23.66
C ALA A 97 26.99 -5.33 -24.20
N LEU A 98 28.17 -5.56 -23.64
CA LEU A 98 29.35 -4.84 -24.08
C LEU A 98 29.79 -5.28 -25.49
N LYS A 99 29.60 -6.55 -25.85
CA LYS A 99 29.86 -6.97 -27.22
C LYS A 99 28.98 -6.16 -28.19
N TYR A 100 27.69 -6.05 -27.87
CA TYR A 100 26.73 -5.42 -28.76
C TYR A 100 27.06 -3.96 -28.98
N VAL A 101 27.43 -3.25 -27.91
CA VAL A 101 27.62 -1.83 -28.06
C VAL A 101 28.89 -1.55 -28.84
N ARG A 102 29.87 -2.44 -28.75
CA ARG A 102 31.09 -2.25 -29.51
C ARG A 102 30.83 -2.46 -30.99
N LYS A 103 29.96 -3.39 -31.35
CA LYS A 103 29.51 -3.48 -32.74
C LYS A 103 28.81 -2.19 -33.18
N ALA A 104 27.96 -1.62 -32.32
CA ALA A 104 27.27 -0.39 -32.70
C ALA A 104 28.28 0.75 -32.85
N LEU A 105 29.30 0.78 -32.01
CA LEU A 105 30.34 1.79 -32.14
C LEU A 105 31.15 1.59 -33.42
N ASN A 106 31.29 0.34 -33.88
CA ASN A 106 31.93 0.10 -35.18
C ASN A 106 31.19 0.85 -36.27
N ALA A 107 29.86 0.85 -36.21
CA ALA A 107 29.06 1.53 -37.22
C ALA A 107 29.11 3.04 -37.07
N ASP A 108 29.37 3.54 -35.88
CA ASP A 108 29.11 4.95 -35.59
C ASP A 108 29.98 5.32 -34.39
N PRO A 109 31.28 5.49 -34.62
CA PRO A 109 32.22 5.67 -33.51
C PRO A 109 32.11 7.04 -32.84
N LYS A 110 31.43 8.01 -33.46
CA LYS A 110 31.21 9.31 -32.84
C LYS A 110 29.87 9.43 -32.10
N ASN A 111 29.01 8.41 -32.16
CA ASN A 111 27.69 8.48 -31.55
C ASN A 111 27.82 8.56 -30.02
N THR A 112 27.42 9.70 -29.44
CA THR A 112 27.64 9.91 -28.00
C THR A 112 26.82 8.94 -27.12
N ASP A 113 25.67 8.46 -27.58
CA ASP A 113 24.95 7.44 -26.81
C ASP A 113 25.70 6.11 -26.80
N TYR A 114 26.21 5.67 -27.95
CA TYR A 114 27.02 4.44 -27.97
C TYR A 114 28.26 4.59 -27.10
N ILE A 115 28.95 5.71 -27.24
CA ILE A 115 30.14 5.97 -26.42
C ILE A 115 29.80 5.93 -24.94
N ASN A 116 28.66 6.54 -24.54
CA ASN A 116 28.33 6.60 -23.12
C ASN A 116 28.10 5.21 -22.56
N LEU A 117 27.39 4.34 -23.31
CA LEU A 117 27.07 3.02 -22.77
C LEU A 117 28.31 2.13 -22.75
N GLU A 118 29.15 2.24 -23.77
CA GLU A 118 30.37 1.45 -23.72
C GLU A 118 31.23 1.85 -22.52
N LYS A 119 31.34 3.16 -22.28
CA LYS A 119 32.04 3.70 -21.10
C LYS A 119 31.45 3.12 -19.82
N GLU A 120 30.12 3.09 -19.74
CA GLU A 120 29.44 2.54 -18.58
C GLU A 120 29.84 1.09 -18.34
N LEU A 121 29.87 0.29 -19.42
CA LEU A 121 29.98 -1.16 -19.34
C LEU A 121 31.42 -1.64 -19.28
N THR A 122 32.40 -0.75 -19.48
CA THR A 122 33.79 -1.13 -19.60
C THR A 122 34.33 -1.52 -18.24
N MET B 1 -11.62 -6.17 -11.55
CA MET B 1 -11.39 -5.68 -12.93
C MET B 1 -10.77 -4.29 -12.92
N LEU B 2 -9.82 -4.01 -13.82
CA LEU B 2 -9.32 -2.65 -13.93
C LEU B 2 -10.38 -1.69 -14.43
N GLN B 3 -11.26 -2.18 -15.32
CA GLN B 3 -12.30 -1.35 -15.89
C GLN B 3 -13.20 -0.80 -14.77
N GLY B 4 -13.43 0.52 -14.75
CA GLY B 4 -14.27 1.14 -13.73
C GLY B 4 -13.53 1.68 -12.51
N LYS B 5 -12.25 1.33 -12.35
CA LYS B 5 -11.46 1.79 -11.23
C LYS B 5 -10.93 3.18 -11.49
N THR B 6 -10.60 3.87 -10.41
CA THR B 6 -10.00 5.20 -10.48
C THR B 6 -8.52 5.04 -10.19
N ILE B 7 -7.68 5.52 -11.11
CA ILE B 7 -6.24 5.46 -10.94
C ILE B 7 -5.78 6.92 -10.84
N VAL B 8 -4.96 7.22 -9.84
CA VAL B 8 -4.35 8.54 -9.74
C VAL B 8 -2.96 8.44 -10.30
N LEU B 9 -2.60 9.40 -11.14
CA LEU B 9 -1.26 9.50 -11.67
C LEU B 9 -0.64 10.77 -11.13
N ASP B 10 0.57 10.64 -10.58
CA ASP B 10 1.26 11.77 -9.97
C ASP B 10 2.57 11.98 -10.72
N PRO B 11 2.63 12.80 -11.76
CA PRO B 11 3.92 13.04 -12.42
C PRO B 11 4.77 13.90 -11.49
N GLY B 12 5.92 13.38 -11.10
CA GLY B 12 6.72 14.03 -10.09
C GLY B 12 7.21 15.40 -10.53
N HIS B 13 7.31 16.32 -9.55
CA HIS B 13 7.89 17.64 -9.77
C HIS B 13 6.99 18.48 -10.68
N GLY B 14 7.50 19.57 -11.26
CA GLY B 14 6.66 20.45 -12.05
C GLY B 14 6.86 21.91 -11.70
N GLY B 15 6.64 22.77 -12.69
CA GLY B 15 6.72 24.22 -12.44
C GLY B 15 8.15 24.62 -12.09
N SER B 16 8.29 25.45 -11.06
CA SER B 16 9.61 25.86 -10.65
C SER B 16 10.47 24.68 -10.22
N ASP B 17 9.88 23.56 -9.85
CA ASP B 17 10.64 22.39 -9.41
C ASP B 17 10.93 21.53 -10.63
N GLN B 18 12.16 21.60 -11.14
CA GLN B 18 12.51 20.83 -12.33
C GLN B 18 12.71 19.35 -12.04
N GLY B 19 12.93 18.97 -10.79
CA GLY B 19 13.40 17.63 -10.50
C GLY B 19 14.86 17.49 -10.92
N ALA B 20 15.28 16.26 -11.12
CA ALA B 20 16.66 15.98 -11.52
C ALA B 20 16.89 16.38 -12.96
N SER B 21 18.15 16.56 -13.32
CA SER B 21 18.46 16.85 -14.69
C SER B 21 19.73 16.10 -15.14
N SER B 22 19.72 15.68 -16.39
CA SER B 22 20.89 14.99 -16.89
C SER B 22 22.03 15.98 -17.11
N ASN B 23 23.26 15.45 -17.11
CA ASN B 23 24.50 16.17 -17.43
C ASN B 23 24.90 16.08 -18.89
N THR B 24 24.11 15.41 -19.73
CA THR B 24 24.50 15.23 -21.13
C THR B 24 24.10 16.45 -21.95
N LYS B 25 24.40 16.38 -23.26
CA LYS B 25 24.05 17.44 -24.18
C LYS B 25 22.55 17.63 -24.29
N TYR B 26 21.76 16.62 -23.90
CA TYR B 26 20.30 16.72 -23.96
C TYR B 26 19.74 17.64 -22.92
N LYS B 27 20.44 17.79 -21.81
CA LYS B 27 20.00 18.55 -20.63
C LYS B 27 18.54 18.26 -20.30
N SER B 28 18.23 16.99 -20.11
CA SER B 28 16.86 16.59 -19.86
C SER B 28 16.43 16.96 -18.43
N LEU B 29 15.17 17.38 -18.28
CA LEU B 29 14.57 17.77 -17.00
C LEU B 29 13.55 16.73 -16.59
N GLU B 30 13.71 16.21 -15.38
CA GLU B 30 12.81 15.15 -14.91
C GLU B 30 11.34 15.56 -15.03
N LYS B 31 11.02 16.83 -14.69
CA LYS B 31 9.61 17.26 -14.66
C LYS B 31 8.96 17.10 -16.04
N ASP B 32 9.74 17.27 -17.11
CA ASP B 32 9.17 17.18 -18.44
C ASP B 32 8.80 15.75 -18.77
N TYR B 33 9.66 14.79 -18.39
CA TYR B 33 9.42 13.39 -18.75
C TYR B 33 8.46 12.66 -17.83
N THR B 34 8.34 13.06 -16.56
CA THR B 34 7.30 12.44 -15.72
C THR B 34 5.92 12.81 -16.25
N LEU B 35 5.76 14.05 -16.69
CA LEU B 35 4.50 14.50 -17.20
C LEU B 35 4.18 13.85 -18.55
N LYS B 36 5.19 13.70 -19.44
CA LYS B 36 4.92 12.99 -20.69
C LYS B 36 4.46 11.58 -20.40
N THR B 37 5.14 10.94 -19.45
CA THR B 37 4.82 9.56 -19.11
C THR B 37 3.42 9.45 -18.57
N ALA B 38 3.05 10.35 -17.64
CA ALA B 38 1.72 10.30 -17.03
C ALA B 38 0.62 10.56 -18.07
N LYS B 39 0.87 11.50 -19.00
CA LYS B 39 -0.16 11.79 -19.99
C LYS B 39 -0.34 10.60 -20.94
N GLU B 40 0.75 9.93 -21.28
CA GLU B 40 0.64 8.72 -22.12
C GLU B 40 -0.08 7.59 -21.40
N LEU B 41 0.31 7.34 -20.16
CA LEU B 41 -0.35 6.34 -19.32
C LEU B 41 -1.82 6.68 -19.09
N GLN B 42 -2.15 7.95 -18.91
CA GLN B 42 -3.55 8.37 -18.81
C GLN B 42 -4.36 7.91 -20.01
N ARG B 43 -3.86 8.17 -21.24
CA ARG B 43 -4.61 7.75 -22.40
C ARG B 43 -4.76 6.22 -22.45
N THR B 44 -3.70 5.49 -22.16
CA THR B 44 -3.78 4.04 -22.26
C THR B 44 -4.71 3.47 -21.21
N LEU B 45 -4.65 4.04 -19.98
CA LEU B 45 -5.57 3.59 -18.92
C LEU B 45 -7.03 3.88 -19.26
N GLU B 46 -7.30 5.07 -19.81
CA GLU B 46 -8.68 5.37 -20.19
C GLU B 46 -9.18 4.48 -21.32
N LYS B 47 -8.29 4.06 -22.24
CA LYS B 47 -8.71 3.13 -23.28
C LYS B 47 -9.14 1.81 -22.66
N GLU B 48 -8.52 1.44 -21.53
CA GLU B 48 -8.82 0.22 -20.78
C GLU B 48 -10.07 0.36 -19.94
N GLY B 49 -10.61 1.57 -19.85
CA GLY B 49 -11.87 1.79 -19.17
C GLY B 49 -11.74 2.22 -17.74
N ALA B 50 -10.57 2.68 -17.35
CA ALA B 50 -10.33 3.25 -16.03
C ALA B 50 -10.59 4.76 -16.05
N THR B 51 -10.99 5.30 -14.89
CA THR B 51 -11.04 6.74 -14.67
C THR B 51 -9.67 7.16 -14.13
N VAL B 52 -9.09 8.22 -14.71
CA VAL B 52 -7.75 8.67 -14.35
C VAL B 52 -7.82 10.08 -13.77
N LYS B 53 -7.25 10.27 -12.57
CA LYS B 53 -7.07 11.59 -11.98
C LYS B 53 -5.59 11.93 -12.02
N MET B 54 -5.26 13.15 -12.41
CA MET B 54 -3.90 13.61 -12.50
C MET B 54 -3.67 14.59 -11.34
N THR B 55 -2.53 14.46 -10.68
CA THR B 55 -2.17 15.47 -9.68
C THR B 55 -1.76 16.76 -10.34
N ARG B 56 -1.39 16.70 -11.62
CA ARG B 56 -1.19 17.92 -12.40
C ARG B 56 -1.30 17.52 -13.86
N THR B 57 -1.78 18.45 -14.66
CA THR B 57 -2.07 18.21 -16.06
C THR B 57 -1.24 19.11 -16.96
N ASP B 58 -0.31 19.88 -16.39
CA ASP B 58 0.55 20.78 -17.14
C ASP B 58 1.81 21.01 -16.30
N ASP B 59 2.67 21.92 -16.77
CA ASP B 59 3.97 22.16 -16.16
C ASP B 59 3.77 23.19 -15.03
N THR B 60 3.17 22.72 -13.96
CA THR B 60 2.78 23.58 -12.87
C THR B 60 3.30 22.98 -11.57
N TYR B 61 3.58 23.85 -10.60
CA TYR B 61 4.09 23.42 -9.31
C TYR B 61 2.98 22.79 -8.47
N VAL B 62 3.23 21.64 -7.85
CA VAL B 62 2.23 21.06 -6.95
C VAL B 62 2.98 20.55 -5.72
N SER B 63 2.60 21.05 -4.54
CA SER B 63 3.26 20.63 -3.30
C SER B 63 2.97 19.16 -3.02
N LEU B 64 3.87 18.50 -2.27
CA LEU B 64 3.63 17.08 -1.98
C LEU B 64 2.28 16.88 -1.30
N GLU B 65 1.91 17.81 -0.40
CA GLU B 65 0.61 17.76 0.29
C GLU B 65 -0.54 17.88 -0.70
N ASN B 66 -0.42 18.73 -1.71
CA ASN B 66 -1.48 18.90 -2.70
C ASN B 66 -1.53 17.79 -3.76
N ARG B 67 -0.65 16.80 -3.69
CA ARG B 67 -0.71 15.60 -4.51
C ARG B 67 -1.50 14.47 -3.84
N ASP B 68 -2.14 14.74 -2.72
CA ASP B 68 -2.95 13.73 -2.04
C ASP B 68 -4.33 13.68 -2.68
N ILE B 69 -4.47 12.90 -3.75
CA ILE B 69 -5.74 12.70 -4.46
C ILE B 69 -6.13 11.24 -4.25
N LYS B 70 -7.42 10.98 -4.04
CA LYS B 70 -7.91 9.65 -3.76
C LYS B 70 -8.23 8.88 -5.06
N GLY B 71 -7.99 7.57 -5.02
CA GLY B 71 -8.39 6.66 -6.08
C GLY B 71 -8.31 5.24 -5.56
N ASP B 72 -8.49 4.28 -6.45
CA ASP B 72 -8.31 2.88 -6.06
C ASP B 72 -6.84 2.46 -6.08
N ALA B 73 -6.00 3.17 -6.82
CA ALA B 73 -4.55 2.99 -6.82
C ALA B 73 -3.96 4.33 -7.22
N TYR B 74 -2.68 4.51 -6.91
CA TYR B 74 -2.00 5.78 -7.07
C TYR B 74 -0.58 5.51 -7.53
N LEU B 75 -0.14 6.14 -8.60
CA LEU B 75 1.17 5.86 -9.20
C LEU B 75 1.90 7.18 -9.27
N SER B 76 2.94 7.33 -8.46
CA SER B 76 3.82 8.49 -8.56
C SER B 76 4.95 8.17 -9.54
N ILE B 77 5.21 9.06 -10.46
CA ILE B 77 6.11 8.76 -11.58
C ILE B 77 7.33 9.68 -11.47
N HIS B 78 8.51 9.09 -11.39
CA HIS B 78 9.74 9.83 -11.23
C HIS B 78 10.83 9.37 -12.17
N ASN B 79 11.79 10.24 -12.40
CA ASN B 79 13.00 9.95 -13.19
C ASN B 79 14.14 10.64 -12.47
N ASP B 80 14.46 10.15 -11.25
CA ASP B 80 15.40 10.87 -10.40
C ASP B 80 16.85 10.64 -10.84
N ALA B 81 17.78 11.32 -10.15
CA ALA B 81 19.20 11.22 -10.41
C ALA B 81 19.85 10.41 -9.31
N LEU B 82 20.82 9.58 -9.66
CA LEU B 82 21.68 9.00 -8.66
C LEU B 82 23.08 9.53 -8.88
N GLU B 83 23.89 9.53 -7.81
CA GLU B 83 25.19 10.20 -7.93
C GLU B 83 26.16 9.47 -8.84
N SER B 84 26.04 8.14 -8.98
CA SER B 84 26.86 7.40 -9.92
C SER B 84 26.15 7.40 -11.26
N SER B 85 26.79 7.96 -12.30
CA SER B 85 26.10 7.94 -13.59
C SER B 85 25.91 6.53 -14.12
N ASN B 86 26.71 5.56 -13.65
CA ASN B 86 26.50 4.20 -14.12
C ASN B 86 25.30 3.53 -13.50
N ALA B 87 24.73 4.06 -12.42
CA ALA B 87 23.56 3.41 -11.81
C ALA B 87 22.35 3.61 -12.71
N ASN B 88 21.52 2.58 -12.81
CA ASN B 88 20.52 2.59 -13.85
C ASN B 88 19.44 1.60 -13.48
N GLY B 89 18.29 1.79 -14.09
CA GLY B 89 17.23 0.83 -13.94
C GLY B 89 15.91 1.38 -13.43
N MET B 90 15.09 0.47 -12.94
CA MET B 90 13.77 0.85 -12.46
C MET B 90 13.54 0.28 -11.06
N THR B 91 12.95 1.12 -10.19
CA THR B 91 12.57 0.74 -8.83
C THR B 91 11.11 1.05 -8.61
N VAL B 92 10.42 0.18 -7.88
CA VAL B 92 9.06 0.47 -7.43
C VAL B 92 9.07 0.52 -5.89
N TYR B 93 8.61 1.64 -5.31
CA TYR B 93 8.66 1.90 -3.88
C TYR B 93 7.26 1.83 -3.31
N TRP B 94 7.14 1.23 -2.12
CA TRP B 94 5.90 1.18 -1.37
C TRP B 94 6.23 1.50 0.09
N TYR B 95 5.22 1.81 0.90
CA TYR B 95 5.56 2.14 2.27
C TYR B 95 4.58 1.53 3.26
N HIS B 96 3.29 1.84 3.14
CA HIS B 96 2.31 1.19 4.03
C HIS B 96 2.02 -0.22 3.53
N ASP B 97 1.45 -1.02 4.43
CA ASP B 97 1.15 -2.42 4.17
C ASP B 97 0.30 -2.59 2.94
N ASN B 98 -0.69 -1.73 2.78
CA ASN B 98 -1.60 -1.89 1.66
C ASN B 98 -1.02 -1.39 0.35
N GLN B 99 0.23 -0.92 0.34
CA GLN B 99 0.90 -0.49 -0.89
C GLN B 99 1.82 -1.56 -1.45
N ARG B 100 2.16 -2.57 -0.65
CA ARG B 100 3.14 -3.58 -1.03
C ARG B 100 2.64 -4.40 -2.22
N ALA B 101 1.39 -4.87 -2.16
CA ALA B 101 0.91 -5.73 -3.26
C ALA B 101 0.96 -5.00 -4.60
N LEU B 102 0.65 -3.70 -4.60
CA LEU B 102 0.73 -2.91 -5.81
C LEU B 102 2.16 -2.84 -6.32
N ALA B 103 3.12 -2.60 -5.43
CA ALA B 103 4.51 -2.51 -5.88
C ALA B 103 5.04 -3.87 -6.33
N ASP B 104 4.66 -4.93 -5.64
CA ASP B 104 5.14 -6.25 -6.02
C ASP B 104 4.54 -6.67 -7.35
N THR B 105 3.27 -6.32 -7.58
CA THR B 105 2.59 -6.69 -8.82
C THR B 105 3.17 -5.94 -10.02
N LEU B 106 3.38 -4.63 -9.89
CA LEU B 106 3.99 -3.86 -10.96
C LEU B 106 5.44 -4.23 -11.18
N ASP B 107 6.18 -4.55 -10.14
CA ASP B 107 7.59 -4.88 -10.39
C ASP B 107 7.72 -6.10 -11.28
N ALA B 108 6.80 -7.06 -11.13
CA ALA B 108 6.85 -8.32 -11.87
C ALA B 108 6.52 -8.09 -13.34
N THR B 109 5.46 -7.35 -13.62
CA THR B 109 5.07 -7.17 -15.01
C THR B 109 6.00 -6.22 -15.72
N ILE B 110 6.55 -5.25 -15.01
CA ILE B 110 7.43 -4.32 -15.71
C ILE B 110 8.71 -5.03 -16.11
N GLN B 111 9.19 -5.93 -15.26
CA GLN B 111 10.41 -6.67 -15.54
C GLN B 111 10.29 -7.53 -16.79
N LYS B 112 9.09 -8.01 -17.09
CA LYS B 112 8.84 -8.88 -18.23
C LYS B 112 8.99 -8.17 -19.57
N LYS B 113 8.82 -6.84 -19.60
CA LYS B 113 8.69 -6.13 -20.86
C LYS B 113 9.64 -4.96 -20.98
N GLY B 114 9.87 -4.24 -19.88
CA GLY B 114 10.65 -3.03 -19.96
C GLY B 114 12.11 -3.31 -20.20
N LEU B 115 12.79 -2.34 -20.81
CA LEU B 115 14.21 -2.45 -21.11
C LEU B 115 15.08 -1.85 -20.02
N LEU B 116 14.50 -1.58 -18.84
CA LEU B 116 15.27 -1.07 -17.71
C LEU B 116 15.75 -2.25 -16.86
N SER B 117 16.95 -2.12 -16.27
CA SER B 117 17.38 -3.03 -15.24
C SER B 117 16.41 -3.03 -14.04
N ASN B 118 16.14 -4.20 -13.47
CA ASN B 118 15.17 -4.31 -12.39
C ASN B 118 15.87 -4.11 -11.05
N ARG B 119 15.65 -2.97 -10.40
CA ARG B 119 16.17 -2.80 -9.07
C ARG B 119 15.20 -3.26 -8.00
N GLY B 120 14.00 -3.66 -8.38
CA GLY B 120 13.11 -4.37 -7.48
C GLY B 120 12.06 -3.47 -6.81
N SER B 121 11.29 -4.14 -5.97
CA SER B 121 10.25 -3.52 -5.16
C SER B 121 10.85 -3.25 -3.79
N ARG B 122 10.82 -2.01 -3.35
CA ARG B 122 11.51 -1.64 -2.11
C ARG B 122 10.61 -0.80 -1.24
N GLN B 123 10.80 -0.96 0.07
CA GLN B 123 10.02 -0.24 1.05
C GLN B 123 10.76 1.07 1.38
N GLU B 124 10.11 2.20 1.16
CA GLU B 124 10.79 3.45 1.46
C GLU B 124 9.74 4.51 1.78
N ASN B 125 10.04 5.34 2.76
CA ASN B 125 9.16 6.39 3.24
C ASN B 125 9.28 7.61 2.33
N TYR B 126 8.47 7.64 1.30
CA TYR B 126 8.24 8.85 0.54
C TYR B 126 6.95 9.48 1.03
N GLN B 127 6.94 10.81 1.17
CA GLN B 127 5.74 11.47 1.69
C GLN B 127 4.50 11.19 0.83
N VAL B 128 4.61 11.15 -0.52
CA VAL B 128 3.39 10.85 -1.27
C VAL B 128 2.87 9.46 -0.94
N LEU B 129 3.74 8.54 -0.51
CA LEU B 129 3.24 7.23 -0.09
C LEU B 129 2.73 7.26 1.37
N ALA B 130 3.46 7.93 2.25
CA ALA B 130 3.15 7.88 3.68
C ALA B 130 1.88 8.64 4.03
N GLN B 131 1.53 9.66 3.24
CA GLN B 131 0.46 10.57 3.61
C GLN B 131 -0.90 10.06 3.17
N THR B 132 -0.96 8.97 2.41
CA THR B 132 -2.21 8.51 1.80
C THR B 132 -2.57 7.10 2.23
N LYS B 133 -3.88 6.86 2.41
CA LYS B 133 -4.41 5.53 2.65
C LYS B 133 -4.64 4.73 1.34
N VAL B 134 -4.62 5.38 0.19
CA VAL B 134 -4.76 4.74 -1.14
C VAL B 134 -3.58 3.78 -1.36
N PRO B 135 -3.76 2.59 -1.98
CA PRO B 135 -2.60 1.81 -2.42
C PRO B 135 -1.79 2.65 -3.40
N ALA B 136 -0.59 3.04 -3.02
CA ALA B 136 0.20 3.96 -3.82
C ALA B 136 1.62 3.42 -3.94
N VAL B 137 2.25 3.69 -5.09
CA VAL B 137 3.62 3.31 -5.35
C VAL B 137 4.32 4.49 -6.03
N LEU B 138 5.63 4.54 -5.85
CA LEU B 138 6.48 5.50 -6.51
C LEU B 138 7.33 4.71 -7.50
N LEU B 139 7.20 5.04 -8.77
CA LEU B 139 7.95 4.37 -9.81
C LEU B 139 9.11 5.26 -10.24
N GLU B 140 10.32 4.73 -10.15
CA GLU B 140 11.48 5.31 -10.84
C GLU B 140 11.61 4.59 -12.18
N LEU B 141 11.22 5.26 -13.25
CA LEU B 141 11.18 4.60 -14.57
C LEU B 141 12.44 4.93 -15.37
N GLY B 142 13.58 4.53 -14.83
CA GLY B 142 14.90 4.93 -15.35
C GLY B 142 15.43 6.18 -14.68
N TYR B 143 16.74 6.25 -14.54
CA TYR B 143 17.36 7.38 -13.83
C TYR B 143 17.89 8.37 -14.85
N ILE B 144 17.46 9.62 -14.73
CA ILE B 144 17.81 10.60 -15.73
C ILE B 144 19.31 10.92 -15.69
N SER B 145 19.98 10.57 -14.60
CA SER B 145 21.42 10.69 -14.44
C SER B 145 22.21 9.65 -15.22
N ASN B 146 21.55 8.59 -15.67
CA ASN B 146 22.23 7.56 -16.47
C ASN B 146 22.06 7.86 -17.95
N PRO B 147 23.14 8.14 -18.69
CA PRO B 147 22.97 8.44 -20.13
C PRO B 147 22.10 7.43 -20.85
N THR B 148 22.24 6.13 -20.58
CA THR B 148 21.49 5.19 -21.42
C THR B 148 20.03 5.10 -21.01
N ASP B 149 19.74 5.13 -19.70
CA ASP B 149 18.34 5.32 -19.29
C ASP B 149 17.74 6.58 -19.91
N GLU B 150 18.50 7.66 -19.91
CA GLU B 150 18.00 8.92 -20.46
C GLU B 150 17.59 8.76 -21.93
N THR B 151 18.39 8.04 -22.73
CA THR B 151 17.97 7.79 -24.10
C THR B 151 16.61 7.10 -24.14
N MET B 152 16.32 6.20 -23.19
CA MET B 152 14.99 5.59 -23.22
C MET B 152 13.89 6.45 -22.61
N ILE B 153 14.20 7.24 -21.59
CA ILE B 153 13.21 8.13 -20.99
C ILE B 153 12.73 9.12 -22.03
N LYS B 154 13.65 9.66 -22.85
CA LYS B 154 13.42 10.59 -23.93
C LYS B 154 12.67 9.95 -25.11
N ASP B 155 12.47 8.65 -25.15
CA ASP B 155 11.92 7.96 -26.31
C ASP B 155 10.51 7.47 -26.09
N GLN B 156 9.55 8.02 -26.85
CA GLN B 156 8.15 7.61 -26.67
C GLN B 156 7.94 6.10 -26.82
N LEU B 157 8.60 5.46 -27.78
CA LEU B 157 8.37 4.02 -27.95
C LEU B 157 8.87 3.21 -26.75
N HIS B 158 10.01 3.57 -26.18
CA HIS B 158 10.39 2.89 -24.93
C HIS B 158 9.43 3.20 -23.79
N ARG B 159 9.05 4.45 -23.61
CA ARG B 159 8.06 4.79 -22.56
C ARG B 159 6.80 3.96 -22.70
N GLN B 160 6.40 3.68 -23.95
CA GLN B 160 5.11 3.02 -24.14
C GLN B 160 5.20 1.55 -23.79
N ILE B 161 6.39 0.98 -23.82
CA ILE B 161 6.57 -0.39 -23.35
C ILE B 161 6.34 -0.42 -21.83
N LEU B 162 7.00 0.47 -21.13
CA LEU B 162 6.79 0.67 -19.69
C LEU B 162 5.34 0.92 -19.39
N GLU B 163 4.70 1.79 -20.17
CA GLU B 163 3.31 2.11 -19.86
C GLU B 163 2.39 0.91 -20.04
N GLN B 164 2.62 0.12 -21.09
CA GLN B 164 1.79 -1.09 -21.25
C GLN B 164 2.06 -2.07 -20.10
N ALA B 165 3.32 -2.17 -19.66
CA ALA B 165 3.62 -3.12 -18.61
C ALA B 165 2.96 -2.69 -17.29
N ILE B 166 2.87 -1.40 -17.04
CA ILE B 166 2.11 -0.88 -15.90
C ILE B 166 0.63 -1.25 -15.99
N VAL B 167 0.04 -1.11 -17.20
CA VAL B 167 -1.36 -1.51 -17.40
C VAL B 167 -1.51 -2.98 -17.15
N ASP B 168 -0.56 -3.80 -17.64
CA ASP B 168 -0.58 -5.24 -17.40
C ASP B 168 -0.61 -5.54 -15.91
N GLY B 169 0.24 -4.84 -15.14
CA GLY B 169 0.26 -5.04 -13.71
C GLY B 169 -1.02 -4.61 -13.03
N LEU B 170 -1.60 -3.48 -13.47
CA LEU B 170 -2.83 -3.03 -12.85
C LEU B 170 -3.96 -4.03 -13.10
N LYS B 171 -4.00 -4.64 -14.31
CA LYS B 171 -5.05 -5.62 -14.57
C LYS B 171 -4.92 -6.83 -13.64
N ILE B 172 -3.69 -7.29 -13.39
CA ILE B 172 -3.49 -8.36 -12.41
C ILE B 172 -3.85 -7.88 -10.99
N TYR B 173 -3.39 -6.70 -10.64
CA TYR B 173 -3.65 -6.11 -9.32
C TYR B 173 -5.14 -6.04 -9.01
N PHE B 174 -5.94 -5.69 -10.03
CA PHE B 174 -7.39 -5.59 -9.90
C PHE B 174 -8.11 -6.83 -10.41
N SER B 175 -7.48 -8.02 -10.36
CA SER B 175 -8.13 -9.18 -10.96
C SER B 175 -9.40 -9.59 -10.23
N ALA B 176 -9.57 -9.18 -8.97
CA ALA B 176 -10.82 -9.37 -8.24
C ALA B 176 -11.79 -8.17 -8.42
N GLU C 1 3.83 11.56 50.26
CA GLU C 1 4.63 10.38 50.51
C GLU C 1 5.20 9.89 49.18
N VAL C 2 5.64 8.63 49.13
CA VAL C 2 5.63 7.90 47.86
C VAL C 2 4.18 7.65 47.46
N LEU C 3 3.29 7.70 48.44
CA LEU C 3 1.89 7.37 48.23
C LEU C 3 1.22 8.29 47.21
N PHE C 4 1.53 9.58 47.23
CA PHE C 4 0.97 10.47 46.22
C PHE C 4 1.84 10.57 44.99
N GLN C 5 3.10 10.15 45.08
CA GLN C 5 3.91 9.95 43.87
C GLN C 5 3.34 8.83 43.02
N GLY C 6 3.09 7.67 43.63
CA GLY C 6 2.51 6.54 42.94
C GLY C 6 1.11 6.84 42.45
N PRO C 7 0.69 6.12 41.42
CA PRO C 7 -0.67 6.29 40.88
C PRO C 7 -1.73 5.87 41.88
N LYS C 8 -2.96 6.27 41.61
CA LYS C 8 -4.05 6.04 42.56
C LYS C 8 -4.21 4.54 42.82
N GLU C 9 -4.25 4.19 44.09
CA GLU C 9 -4.49 2.80 44.48
C GLU C 9 -5.91 2.40 44.11
N ASP C 10 -6.08 1.21 43.50
CA ASP C 10 -7.42 0.79 43.16
C ASP C 10 -7.97 -0.06 44.30
N ASN C 11 -9.28 0.03 44.50
CA ASN C 11 -9.87 -0.62 45.66
C ASN C 11 -10.15 -2.09 45.36
N ILE C 12 -10.59 -2.81 46.39
CA ILE C 12 -10.68 -4.26 46.28
C ILE C 12 -11.73 -4.68 45.26
N TYR C 13 -12.81 -3.91 45.11
CA TYR C 13 -13.87 -4.34 44.21
C TYR C 13 -13.43 -4.22 42.76
N ASN C 14 -12.77 -3.11 42.42
CA ASN C 14 -12.36 -2.90 41.03
C ASN C 14 -11.23 -3.85 40.64
N LYS C 15 -10.33 -4.15 41.58
CA LYS C 15 -9.25 -5.07 41.30
C LYS C 15 -9.81 -6.46 40.95
N LEU C 16 -10.80 -6.92 41.72
CA LEU C 16 -11.42 -8.20 41.39
C LEU C 16 -12.12 -8.16 40.04
N ILE C 17 -12.88 -7.08 39.78
CA ILE C 17 -13.56 -6.92 38.50
C ILE C 17 -12.54 -7.00 37.37
N LYS C 18 -11.51 -6.14 37.41
CA LYS C 18 -10.47 -6.16 36.39
C LYS C 18 -9.80 -7.53 36.32
N ASP C 19 -9.61 -8.19 37.47
CA ASP C 19 -8.98 -9.50 37.51
C ASP C 19 -9.77 -10.50 36.66
N ASP C 20 -11.10 -10.49 36.79
CA ASP C 20 -11.95 -11.39 36.02
C ASP C 20 -11.95 -11.03 34.54
N MET C 21 -11.97 -9.73 34.22
CA MET C 21 -11.92 -9.32 32.83
C MET C 21 -10.62 -9.77 32.16
N THR C 22 -9.47 -9.52 32.80
CA THR C 22 -8.23 -9.85 32.11
C THR C 22 -8.10 -11.35 31.91
N SER C 23 -8.61 -12.16 32.84
CA SER C 23 -8.59 -13.60 32.66
C SER C 23 -9.78 -14.14 31.86
N GLY C 24 -10.62 -13.25 31.30
CA GLY C 24 -11.67 -13.65 30.40
C GLY C 24 -13.00 -14.09 31.00
N ASN C 25 -13.20 -13.96 32.32
CA ASN C 25 -14.46 -14.37 32.95
C ASN C 25 -15.38 -13.16 33.07
N TYR C 26 -15.89 -12.72 31.92
CA TYR C 26 -16.71 -11.51 31.89
C TYR C 26 -18.04 -11.71 32.62
N ASP C 27 -18.54 -12.93 32.68
CA ASP C 27 -19.75 -13.19 33.45
C ASP C 27 -19.50 -12.95 34.93
N ASN C 28 -18.42 -13.52 35.46
CA ASN C 28 -18.07 -13.26 36.86
C ASN C 28 -17.79 -11.78 37.07
N ALA C 29 -17.12 -11.12 36.10
CA ALA C 29 -16.82 -9.70 36.26
C ALA C 29 -18.10 -8.87 36.28
N GLN C 30 -19.07 -9.23 35.44
CA GLN C 30 -20.31 -8.46 35.42
C GLN C 30 -21.07 -8.63 36.71
N ASN C 31 -21.00 -9.81 37.30
CA ASN C 31 -21.77 -10.01 38.53
C ASN C 31 -21.15 -9.24 39.70
N ILE C 32 -19.82 -9.20 39.77
CA ILE C 32 -19.16 -8.40 40.80
C ILE C 32 -19.44 -6.92 40.60
N ALA C 33 -19.39 -6.44 39.34
CA ALA C 33 -19.66 -5.03 39.09
C ALA C 33 -21.10 -4.66 39.40
N LYS C 34 -22.04 -5.55 39.07
CA LYS C 34 -23.44 -5.30 39.39
C LYS C 34 -23.64 -5.18 40.90
N GLN C 35 -23.05 -6.10 41.65
CA GLN C 35 -23.22 -6.11 43.09
C GLN C 35 -22.55 -4.91 43.75
N THR C 36 -21.35 -4.54 43.28
CA THR C 36 -20.70 -3.33 43.78
C THR C 36 -21.60 -2.11 43.59
N ILE C 37 -22.19 -2.00 42.40
CA ILE C 37 -22.99 -0.83 42.06
C ILE C 37 -24.31 -0.82 42.83
N ASN C 38 -24.97 -1.98 42.93
CA ASN C 38 -26.25 -2.04 43.62
C ASN C 38 -26.11 -1.75 45.09
N LYS C 39 -24.99 -2.17 45.68
CA LYS C 39 -24.68 -1.94 47.08
C LYS C 39 -24.19 -0.53 47.38
N ASN C 40 -24.01 0.34 46.36
CA ASN C 40 -23.47 1.69 46.52
C ASN C 40 -22.00 1.68 46.95
N TYR C 41 -21.26 0.67 46.51
CA TYR C 41 -19.84 0.58 46.82
C TYR C 41 -19.00 1.05 45.65
N ALA C 42 -19.66 1.49 44.58
CA ALA C 42 -18.98 1.77 43.32
C ALA C 42 -18.35 3.15 43.31
N ASP C 43 -17.20 3.25 42.72
CA ASP C 43 -16.68 4.56 42.36
C ASP C 43 -16.74 4.70 40.84
N ASP C 44 -16.17 5.78 40.31
CA ASP C 44 -16.30 6.00 38.89
C ASP C 44 -15.61 4.91 38.08
N GLN C 45 -14.51 4.33 38.61
CA GLN C 45 -13.87 3.24 37.89
C GLN C 45 -14.79 2.04 37.82
N THR C 46 -15.60 1.83 38.87
CA THR C 46 -16.51 0.69 38.83
C THR C 46 -17.51 0.83 37.71
N TYR C 47 -18.06 2.04 37.52
CA TYR C 47 -19.01 2.25 36.43
C TYR C 47 -18.30 2.12 35.08
N TYR C 48 -17.07 2.60 35.02
CA TYR C 48 -16.24 2.44 33.83
C TYR C 48 -16.09 0.97 33.45
N LEU C 49 -15.64 0.13 34.41
CA LEU C 49 -15.43 -1.29 34.15
C LEU C 49 -16.73 -1.99 33.81
N SER C 50 -17.80 -1.62 34.53
CA SER C 50 -19.14 -2.10 34.22
C SER C 50 -19.52 -1.85 32.74
N GLY C 51 -19.41 -0.60 32.29
CA GLY C 51 -19.68 -0.30 30.89
C GLY C 51 -18.74 -1.03 29.93
N MET C 52 -17.45 -1.15 30.30
CA MET C 52 -16.54 -1.90 29.42
C MET C 52 -16.99 -3.33 29.29
N ILE C 53 -17.43 -3.94 30.39
CA ILE C 53 -17.97 -5.29 30.38
C ILE C 53 -19.17 -5.36 29.43
N MET C 54 -20.07 -4.39 29.52
CA MET C 54 -21.25 -4.38 28.67
C MET C 54 -20.89 -4.21 27.21
N ALA C 55 -19.93 -3.33 26.92
CA ALA C 55 -19.37 -3.25 25.59
C ALA C 55 -18.86 -4.61 25.10
N THR C 56 -18.24 -5.39 25.99
CA THR C 56 -17.65 -6.67 25.56
C THR C 56 -18.72 -7.72 25.28
N ILE C 57 -19.70 -7.86 26.17
CA ILE C 57 -20.65 -8.96 26.06
C ILE C 57 -22.07 -8.55 25.65
N ASN C 58 -22.46 -7.28 25.82
CA ASN C 58 -23.80 -6.84 25.44
C ASN C 58 -23.68 -5.97 24.20
N SER C 59 -23.41 -4.67 24.32
CA SER C 59 -23.36 -3.76 23.19
C SER C 59 -22.64 -2.49 23.63
N LYS C 60 -22.02 -1.80 22.66
CA LYS C 60 -21.47 -0.47 22.96
C LYS C 60 -22.57 0.46 23.41
N SER C 61 -23.75 0.35 22.79
CA SER C 61 -24.86 1.19 23.18
C SER C 61 -25.14 1.07 24.68
N GLU C 62 -25.24 -0.16 25.20
CA GLU C 62 -25.54 -0.36 26.62
C GLU C 62 -24.39 0.09 27.50
N GLY C 63 -23.17 -0.16 27.04
CA GLY C 63 -22.01 0.31 27.77
C GLY C 63 -21.97 1.82 27.94
N MET C 64 -22.44 2.56 26.93
CA MET C 64 -22.46 4.02 27.01
C MET C 64 -23.55 4.49 27.98
N THR C 65 -24.71 3.83 27.95
CA THR C 65 -25.72 4.13 28.96
C THR C 65 -25.17 3.91 30.37
N GLU C 66 -24.34 2.87 30.54
CA GLU C 66 -23.79 2.58 31.85
C GLU C 66 -22.78 3.64 32.26
N TRP C 67 -21.96 4.12 31.32
CA TRP C 67 -21.04 5.21 31.64
C TRP C 67 -21.81 6.50 31.94
N GLU C 68 -22.93 6.74 31.24
CA GLU C 68 -23.70 7.95 31.52
C GLU C 68 -24.31 7.88 32.90
N ARG C 69 -24.74 6.67 33.31
CA ARG C 69 -25.21 6.44 34.66
C ARG C 69 -24.12 6.79 35.67
N GLY C 70 -22.89 6.32 35.41
CA GLY C 70 -21.79 6.68 36.28
C GLY C 70 -21.61 8.17 36.43
N LEU C 71 -21.69 8.92 35.31
CA LEU C 71 -21.52 10.37 35.36
C LEU C 71 -22.64 11.07 36.13
N ARG C 72 -23.81 10.47 36.27
CA ARG C 72 -24.79 11.13 37.14
C ARG C 72 -24.38 11.05 38.59
N MET C 73 -23.67 10.01 38.98
CA MET C 73 -23.15 9.91 40.34
C MET C 73 -21.79 10.60 40.46
N PHE C 74 -21.02 10.64 39.35
CA PHE C 74 -19.66 11.16 39.33
C PHE C 74 -19.47 12.12 38.17
N PRO C 75 -20.14 13.28 38.22
CA PRO C 75 -20.14 14.18 37.05
C PRO C 75 -18.77 14.66 36.64
N LYS C 76 -17.79 14.64 37.55
CA LYS C 76 -16.46 15.18 37.28
C LYS C 76 -15.43 14.09 36.97
N SER C 77 -15.85 12.84 36.78
CA SER C 77 -14.93 11.76 36.43
C SER C 77 -14.22 12.04 35.11
N GLY C 78 -12.91 12.22 35.14
CA GLY C 78 -12.17 12.25 33.89
C GLY C 78 -12.27 10.91 33.17
N LEU C 79 -12.15 9.81 33.93
CA LEU C 79 -12.19 8.47 33.35
C LEU C 79 -13.46 8.26 32.53
N LEU C 80 -14.61 8.53 33.14
CA LEU C 80 -15.89 8.32 32.48
C LEU C 80 -16.11 9.32 31.35
N ASN C 81 -15.69 10.57 31.54
CA ASN C 81 -15.91 11.55 30.49
C ASN C 81 -15.05 11.23 29.27
N PHE C 82 -13.79 10.87 29.48
CA PHE C 82 -12.91 10.54 28.36
C PHE C 82 -13.46 9.34 27.61
N GLU C 83 -13.91 8.32 28.34
CA GLU C 83 -14.41 7.14 27.67
C GLU C 83 -15.65 7.45 26.87
N LEU C 84 -16.51 8.33 27.36
CA LEU C 84 -17.65 8.73 26.55
C LEU C 84 -17.24 9.64 25.39
N ALA C 85 -16.14 10.39 25.52
CA ALA C 85 -15.62 11.11 24.38
C ALA C 85 -15.21 10.12 23.29
N ILE C 86 -14.47 9.08 23.66
CA ILE C 86 -14.06 8.05 22.71
C ILE C 86 -15.26 7.36 22.09
N ALA C 87 -16.23 7.00 22.94
CA ALA C 87 -17.41 6.30 22.44
C ALA C 87 -18.16 7.16 21.45
N ASN C 88 -18.28 8.45 21.75
CA ASN C 88 -18.98 9.32 20.81
C ASN C 88 -18.16 9.54 19.54
N ARG C 89 -16.83 9.62 19.66
CA ARG C 89 -15.98 9.62 18.48
C ARG C 89 -16.26 8.41 17.60
N SER C 90 -16.36 7.21 18.20
CA SER C 90 -16.56 5.99 17.41
C SER C 90 -17.89 5.97 16.68
N LEU C 91 -18.83 6.81 17.09
CA LEU C 91 -20.13 6.97 16.43
C LEU C 91 -20.15 8.20 15.57
N ASN C 92 -18.99 8.83 15.36
CA ASN C 92 -18.79 10.02 14.54
C ASN C 92 -19.75 11.14 14.94
N ASP C 93 -19.79 11.36 16.26
CA ASP C 93 -20.42 12.52 16.88
C ASP C 93 -19.29 13.32 17.53
N ASP C 94 -18.50 13.98 16.70
CA ASP C 94 -17.32 14.67 17.21
C ASP C 94 -17.68 15.87 18.07
N GLU C 95 -18.86 16.45 17.89
CA GLU C 95 -19.21 17.60 18.71
C GLU C 95 -19.51 17.17 20.15
N LYS C 96 -20.22 16.06 20.32
CA LYS C 96 -20.42 15.54 21.67
C LYS C 96 -19.14 14.97 22.24
N ALA C 97 -18.29 14.37 21.38
CA ALA C 97 -16.98 13.89 21.84
C ALA C 97 -16.11 15.03 22.36
N LEU C 98 -16.12 16.16 21.67
CA LEU C 98 -15.37 17.33 22.13
C LEU C 98 -15.93 17.82 23.47
N LYS C 99 -17.26 17.93 23.58
CA LYS C 99 -17.86 18.34 24.85
C LYS C 99 -17.37 17.45 25.99
N TYR C 100 -17.36 16.13 25.78
CA TYR C 100 -16.92 15.21 26.82
C TYR C 100 -15.43 15.34 27.13
N VAL C 101 -14.56 15.47 26.11
CA VAL C 101 -13.13 15.53 26.41
C VAL C 101 -12.79 16.82 27.13
N ARG C 102 -13.51 17.91 26.86
CA ARG C 102 -13.23 19.13 27.62
C ARG C 102 -13.68 19.00 29.07
N LYS C 103 -14.75 18.24 29.33
CA LYS C 103 -15.11 17.94 30.71
C LYS C 103 -14.00 17.15 31.39
N ALA C 104 -13.47 16.14 30.68
CA ALA C 104 -12.36 15.35 31.18
C ALA C 104 -11.13 16.21 31.46
N LEU C 105 -10.84 17.17 30.57
CA LEU C 105 -9.72 18.06 30.79
C LEU C 105 -9.93 18.95 32.02
N ASN C 106 -11.17 19.33 32.30
CA ASN C 106 -11.41 20.08 33.52
C ASN C 106 -10.97 19.29 34.74
N ALA C 107 -11.08 17.96 34.69
CA ALA C 107 -10.68 17.17 35.84
C ALA C 107 -9.18 16.96 35.89
N ASP C 108 -8.52 16.91 34.73
CA ASP C 108 -7.07 16.74 34.67
C ASP C 108 -6.51 17.47 33.46
N PRO C 109 -6.24 18.77 33.60
CA PRO C 109 -5.83 19.55 32.41
C PRO C 109 -4.45 19.17 31.89
N LYS C 110 -3.62 18.47 32.68
CA LYS C 110 -2.31 18.04 32.20
C LYS C 110 -2.32 16.63 31.61
N ASN C 111 -3.45 15.93 31.63
CA ASN C 111 -3.46 14.58 31.09
C ASN C 111 -3.27 14.62 29.57
N THR C 112 -2.17 14.02 29.10
CA THR C 112 -1.79 14.15 27.70
C THR C 112 -2.72 13.36 26.77
N ASP C 113 -3.31 12.27 27.25
CA ASP C 113 -4.31 11.59 26.44
C ASP C 113 -5.54 12.46 26.21
N TYR C 114 -5.97 13.22 27.25
CA TYR C 114 -7.09 14.15 27.07
C TYR C 114 -6.68 15.30 26.16
N ILE C 115 -5.45 15.80 26.36
CA ILE C 115 -4.91 16.83 25.49
C ILE C 115 -4.89 16.35 24.03
N ASN C 116 -4.40 15.13 23.79
CA ASN C 116 -4.29 14.63 22.42
C ASN C 116 -5.65 14.51 21.76
N LEU C 117 -6.63 13.99 22.47
CA LEU C 117 -7.92 13.83 21.81
C LEU C 117 -8.56 15.17 21.57
N GLU C 118 -8.38 16.10 22.51
CA GLU C 118 -8.93 17.44 22.29
C GLU C 118 -8.30 18.10 21.06
N LYS C 119 -6.99 17.90 20.84
CA LYS C 119 -6.36 18.41 19.62
C LYS C 119 -6.99 17.80 18.39
N GLU C 120 -7.29 16.50 18.46
CA GLU C 120 -7.80 15.80 17.30
C GLU C 120 -9.17 16.34 16.91
N LEU C 121 -10.04 16.56 17.90
CA LEU C 121 -11.42 16.96 17.71
C LEU C 121 -11.60 18.45 17.42
N THR C 122 -10.54 19.24 17.52
CA THR C 122 -10.55 20.64 17.05
C THR C 122 -9.55 20.75 15.90
N MET D 1 -21.65 -24.14 15.90
CA MET D 1 -21.18 -24.16 14.52
C MET D 1 -19.77 -23.61 14.38
N LEU D 2 -19.45 -22.53 15.09
CA LEU D 2 -18.04 -22.18 15.21
C LEU D 2 -17.26 -23.30 15.87
N GLN D 3 -17.90 -24.04 16.77
CA GLN D 3 -17.25 -25.17 17.40
C GLN D 3 -16.85 -26.23 16.35
N GLY D 4 -15.60 -26.69 16.43
CA GLY D 4 -15.03 -27.60 15.46
C GLY D 4 -14.39 -26.97 14.24
N LYS D 5 -14.48 -25.66 14.06
CA LYS D 5 -13.87 -25.04 12.90
C LYS D 5 -12.41 -24.68 13.20
N THR D 6 -11.63 -24.57 12.13
CA THR D 6 -10.24 -24.16 12.22
C THR D 6 -10.15 -22.70 11.81
N ILE D 7 -9.63 -21.87 12.72
CA ILE D 7 -9.40 -20.44 12.50
C ILE D 7 -7.89 -20.22 12.44
N VAL D 8 -7.40 -19.63 11.37
CA VAL D 8 -6.00 -19.21 11.29
C VAL D 8 -5.93 -17.75 11.72
N LEU D 9 -4.99 -17.43 12.60
CA LEU D 9 -4.78 -16.05 13.00
C LEU D 9 -3.40 -15.64 12.52
N ASP D 10 -3.32 -14.49 11.86
CA ASP D 10 -2.08 -14.00 11.28
C ASP D 10 -1.72 -12.68 11.94
N PRO D 11 -0.95 -12.71 13.01
CA PRO D 11 -0.52 -11.46 13.62
C PRO D 11 0.52 -10.75 12.75
N GLY D 12 0.16 -9.61 12.16
CA GLY D 12 1.03 -9.02 11.16
C GLY D 12 2.40 -8.68 11.70
N HIS D 13 3.40 -8.72 10.79
CA HIS D 13 4.77 -8.32 11.08
C HIS D 13 5.45 -9.27 12.08
N GLY D 14 6.56 -8.88 12.69
CA GLY D 14 7.33 -9.76 13.56
C GLY D 14 8.82 -9.72 13.27
N GLY D 15 9.61 -9.90 14.31
CA GLY D 15 11.04 -9.88 14.15
C GLY D 15 11.53 -8.55 13.64
N SER D 16 12.38 -8.59 12.62
CA SER D 16 12.96 -7.38 12.04
C SER D 16 11.90 -6.44 11.45
N ASP D 17 10.73 -6.94 11.07
CA ASP D 17 9.66 -6.09 10.54
C ASP D 17 8.81 -5.59 11.72
N GLN D 18 8.97 -4.30 12.07
CA GLN D 18 8.23 -3.79 13.25
C GLN D 18 6.78 -3.43 12.95
N GLY D 19 6.44 -3.27 11.67
CA GLY D 19 5.21 -2.65 11.23
C GLY D 19 5.26 -1.18 11.55
N ALA D 20 4.09 -0.61 11.74
CA ALA D 20 3.98 0.79 12.08
C ALA D 20 4.33 1.02 13.56
N SER D 21 4.81 2.21 13.85
CA SER D 21 4.99 2.59 15.25
C SER D 21 4.39 3.98 15.52
N SER D 22 3.98 4.18 16.77
CA SER D 22 3.53 5.51 17.18
C SER D 22 4.73 6.44 17.34
N ASN D 23 4.48 7.74 17.29
CA ASN D 23 5.51 8.74 17.59
C ASN D 23 5.30 9.37 18.96
N THR D 24 4.46 8.77 19.80
CA THR D 24 4.31 9.23 21.17
C THR D 24 5.44 8.64 22.01
N LYS D 25 5.36 8.86 23.34
CA LYS D 25 6.36 8.41 24.29
C LYS D 25 6.32 6.91 24.55
N TYR D 26 5.21 6.24 24.20
CA TYR D 26 5.13 4.78 24.32
C TYR D 26 5.88 4.05 23.21
N LYS D 27 6.16 4.73 22.10
CA LYS D 27 6.86 4.14 20.96
C LYS D 27 6.28 2.74 20.64
N SER D 28 4.96 2.65 20.58
CA SER D 28 4.29 1.36 20.42
C SER D 28 4.59 0.76 19.05
N LEU D 29 4.86 -0.55 19.00
CA LEU D 29 5.16 -1.23 17.74
C LEU D 29 3.98 -2.11 17.37
N GLU D 30 3.51 -1.95 16.13
CA GLU D 30 2.44 -2.81 15.61
C GLU D 30 2.75 -4.28 15.82
N LYS D 31 3.99 -4.72 15.58
CA LYS D 31 4.27 -6.15 15.64
C LYS D 31 4.02 -6.70 17.04
N ASP D 32 4.13 -5.83 18.05
CA ASP D 32 3.87 -6.28 19.43
C ASP D 32 2.39 -6.42 19.70
N TYR D 33 1.59 -5.50 19.21
CA TYR D 33 0.17 -5.50 19.58
C TYR D 33 -0.65 -6.42 18.69
N THR D 34 -0.22 -6.67 17.47
CA THR D 34 -0.86 -7.73 16.67
C THR D 34 -0.66 -9.09 17.33
N LEU D 35 0.53 -9.36 17.85
CA LEU D 35 0.77 -10.65 18.52
C LEU D 35 -0.07 -10.77 19.80
N LYS D 36 -0.08 -9.73 20.66
CA LYS D 36 -0.93 -9.77 21.85
C LYS D 36 -2.37 -10.03 21.46
N THR D 37 -2.87 -9.30 20.47
CA THR D 37 -4.27 -9.44 20.06
C THR D 37 -4.54 -10.86 19.57
N ALA D 38 -3.64 -11.39 18.75
CA ALA D 38 -3.77 -12.77 18.30
C ALA D 38 -3.77 -13.76 19.47
N LYS D 39 -2.86 -13.60 20.44
CA LYS D 39 -2.79 -14.58 21.52
C LYS D 39 -4.02 -14.49 22.43
N GLU D 40 -4.55 -13.27 22.63
CA GLU D 40 -5.79 -13.13 23.40
C GLU D 40 -6.97 -13.73 22.63
N LEU D 41 -7.06 -13.45 21.32
CA LEU D 41 -8.12 -14.04 20.51
C LEU D 41 -7.93 -15.54 20.37
N GLN D 42 -6.70 -16.02 20.36
CA GLN D 42 -6.48 -17.46 20.37
C GLN D 42 -7.11 -18.11 21.61
N ARG D 43 -6.91 -17.51 22.80
CA ARG D 43 -7.44 -18.09 24.03
C ARG D 43 -8.96 -18.12 23.99
N THR D 44 -9.57 -17.04 23.54
CA THR D 44 -11.02 -16.93 23.52
C THR D 44 -11.62 -17.89 22.51
N LEU D 45 -11.08 -17.92 21.28
CA LEU D 45 -11.58 -18.85 20.26
C LEU D 45 -11.47 -20.29 20.73
N GLU D 46 -10.36 -20.65 21.40
CA GLU D 46 -10.21 -21.99 21.95
C GLU D 46 -11.28 -22.29 22.99
N LYS D 47 -11.71 -21.29 23.76
CA LYS D 47 -12.78 -21.50 24.73
C LYS D 47 -14.12 -21.82 24.06
N GLU D 48 -14.38 -21.25 22.87
CA GLU D 48 -15.59 -21.53 22.09
C GLU D 48 -15.57 -22.86 21.36
N GLY D 49 -14.52 -23.67 21.52
CA GLY D 49 -14.45 -24.94 20.85
C GLY D 49 -13.91 -24.85 19.44
N ALA D 50 -13.41 -23.70 19.03
CA ALA D 50 -12.72 -23.58 17.76
C ALA D 50 -11.27 -24.04 17.89
N THR D 51 -10.69 -24.47 16.78
CA THR D 51 -9.28 -24.86 16.70
C THR D 51 -8.51 -23.73 16.04
N VAL D 52 -7.43 -23.27 16.68
CA VAL D 52 -6.69 -22.09 16.21
C VAL D 52 -5.32 -22.52 15.69
N LYS D 53 -4.97 -22.05 14.51
CA LYS D 53 -3.62 -22.14 13.99
C LYS D 53 -3.07 -20.72 13.95
N MET D 54 -1.82 -20.53 14.35
CA MET D 54 -1.17 -19.23 14.34
C MET D 54 -0.10 -19.17 13.24
N THR D 55 -0.04 -18.08 12.47
CA THR D 55 1.09 -18.02 11.54
C THR D 55 2.38 -17.71 12.29
N ARG D 56 2.29 -17.12 13.48
CA ARG D 56 3.48 -16.98 14.32
C ARG D 56 3.07 -16.78 15.75
N THR D 57 3.95 -17.21 16.65
CA THR D 57 3.67 -17.27 18.05
C THR D 57 4.67 -16.51 18.89
N ASP D 58 5.66 -15.87 18.28
CA ASP D 58 6.64 -15.11 19.05
C ASP D 58 7.12 -14.01 18.13
N ASP D 59 8.14 -13.26 18.56
CA ASP D 59 8.66 -12.13 17.79
C ASP D 59 9.66 -12.65 16.75
N THR D 60 9.12 -13.36 15.77
CA THR D 60 9.91 -13.94 14.69
C THR D 60 9.39 -13.37 13.37
N TYR D 61 10.29 -13.21 12.40
CA TYR D 61 9.93 -12.79 11.04
C TYR D 61 9.23 -13.92 10.30
N VAL D 62 8.15 -13.58 9.61
CA VAL D 62 7.45 -14.54 8.75
C VAL D 62 7.12 -13.85 7.42
N SER D 63 7.57 -14.44 6.31
CA SER D 63 7.26 -13.82 5.02
C SER D 63 5.78 -13.89 4.73
N LEU D 64 5.35 -13.09 3.74
CA LEU D 64 3.94 -13.15 3.38
C LEU D 64 3.62 -14.53 2.84
N GLU D 65 4.61 -15.16 2.19
CA GLU D 65 4.42 -16.50 1.62
C GLU D 65 4.25 -17.53 2.73
N ASN D 66 5.04 -17.43 3.78
CA ASN D 66 4.95 -18.38 4.87
C ASN D 66 3.77 -18.11 5.80
N ARG D 67 2.97 -17.07 5.53
CA ARG D 67 1.69 -16.92 6.21
C ARG D 67 0.54 -17.62 5.49
N ASP D 68 0.81 -18.42 4.46
CA ASP D 68 -0.23 -19.12 3.71
C ASP D 68 -0.62 -20.46 4.37
N ILE D 69 -1.16 -20.33 5.58
CA ILE D 69 -1.74 -21.41 6.35
C ILE D 69 -3.22 -21.46 6.06
N LYS D 70 -3.78 -22.66 6.05
CA LYS D 70 -5.12 -22.96 5.56
C LYS D 70 -6.05 -23.26 6.74
N GLY D 71 -7.33 -22.96 6.56
CA GLY D 71 -8.33 -23.33 7.54
C GLY D 71 -9.71 -22.90 7.07
N ASP D 72 -10.70 -22.94 7.97
CA ASP D 72 -12.05 -22.55 7.56
C ASP D 72 -12.19 -21.03 7.41
N ALA D 73 -11.39 -20.29 8.18
CA ALA D 73 -11.36 -18.84 8.12
C ALA D 73 -9.94 -18.40 8.45
N TYR D 74 -9.59 -17.22 8.01
CA TYR D 74 -8.25 -16.66 8.16
C TYR D 74 -8.42 -15.21 8.61
N LEU D 75 -7.78 -14.82 9.71
CA LEU D 75 -7.84 -13.43 10.18
C LEU D 75 -6.42 -12.90 10.29
N SER D 76 -6.07 -11.96 9.41
CA SER D 76 -4.83 -11.21 9.58
C SER D 76 -5.08 -10.00 10.46
N ILE D 77 -4.19 -9.76 11.41
CA ILE D 77 -4.42 -8.74 12.42
C ILE D 77 -3.33 -7.72 12.27
N HIS D 78 -3.74 -6.46 12.11
CA HIS D 78 -2.83 -5.36 11.86
C HIS D 78 -3.28 -4.11 12.62
N ASN D 79 -2.41 -3.10 12.59
CA ASN D 79 -2.72 -1.74 12.95
C ASN D 79 -2.29 -0.80 11.83
N ASP D 80 -3.07 0.26 11.67
CA ASP D 80 -2.93 1.22 10.60
C ASP D 80 -1.95 2.32 10.98
N ALA D 81 -1.40 2.97 9.95
CA ALA D 81 -0.58 4.15 10.13
C ALA D 81 -0.78 5.10 8.97
N LEU D 82 -0.63 6.38 9.29
CA LEU D 82 -0.69 7.47 8.34
C LEU D 82 0.19 8.57 8.87
N GLU D 83 0.65 9.44 7.96
CA GLU D 83 1.46 10.57 8.38
C GLU D 83 0.65 11.54 9.22
N SER D 84 -0.60 11.79 8.85
CA SER D 84 -1.47 12.60 9.71
C SER D 84 -1.87 11.76 10.91
N SER D 85 -1.54 12.26 12.10
CA SER D 85 -1.98 11.52 13.27
C SER D 85 -3.48 11.63 13.53
N ASN D 86 -4.20 12.54 12.85
CA ASN D 86 -5.66 12.59 13.05
C ASN D 86 -6.39 11.36 12.51
N ALA D 87 -5.82 10.67 11.52
CA ALA D 87 -6.54 9.54 10.93
C ALA D 87 -6.69 8.41 11.95
N ASN D 88 -7.89 7.84 12.04
CA ASN D 88 -8.15 6.85 13.07
C ASN D 88 -9.25 5.90 12.60
N GLY D 89 -9.40 4.80 13.33
CA GLY D 89 -10.50 3.90 13.13
C GLY D 89 -10.08 2.51 12.70
N MET D 90 -11.10 1.68 12.51
CA MET D 90 -10.88 0.31 12.13
C MET D 90 -11.50 0.05 10.77
N THR D 91 -10.85 -0.85 10.06
CA THR D 91 -11.22 -1.24 8.71
C THR D 91 -11.06 -2.75 8.59
N VAL D 92 -11.96 -3.38 7.83
CA VAL D 92 -11.93 -4.82 7.61
C VAL D 92 -11.82 -5.01 6.11
N TYR D 93 -10.76 -5.66 5.67
CA TYR D 93 -10.49 -5.79 4.24
C TYR D 93 -10.71 -7.23 3.77
N TRP D 94 -11.19 -7.32 2.53
CA TRP D 94 -11.33 -8.57 1.81
C TRP D 94 -10.79 -8.33 0.42
N TYR D 95 -10.58 -9.42 -0.33
CA TYR D 95 -10.10 -9.28 -1.71
C TYR D 95 -10.89 -10.16 -2.69
N HIS D 96 -10.77 -11.48 -2.58
CA HIS D 96 -11.54 -12.35 -3.45
C HIS D 96 -13.00 -12.36 -3.01
N ASP D 97 -13.90 -12.65 -3.96
CA ASP D 97 -15.33 -12.55 -3.67
C ASP D 97 -15.73 -13.45 -2.51
N ASN D 98 -15.11 -14.63 -2.38
CA ASN D 98 -15.57 -15.50 -1.30
C ASN D 98 -15.05 -15.07 0.06
N GLN D 99 -14.32 -13.94 0.14
CA GLN D 99 -13.86 -13.34 1.39
C GLN D 99 -14.74 -12.20 1.87
N ARG D 100 -15.68 -11.73 1.02
CA ARG D 100 -16.47 -10.53 1.31
C ARG D 100 -17.48 -10.77 2.43
N ALA D 101 -18.19 -11.91 2.38
CA ALA D 101 -19.16 -12.23 3.43
C ALA D 101 -18.53 -12.22 4.82
N LEU D 102 -17.30 -12.75 4.95
CA LEU D 102 -16.65 -12.75 6.24
C LEU D 102 -16.35 -11.33 6.67
N ALA D 103 -15.91 -10.50 5.73
CA ALA D 103 -15.53 -9.13 6.09
C ALA D 103 -16.76 -8.32 6.51
N ASP D 104 -17.84 -8.44 5.74
CA ASP D 104 -19.08 -7.74 6.07
C ASP D 104 -19.63 -8.19 7.41
N THR D 105 -19.61 -9.50 7.69
CA THR D 105 -20.12 -10.01 8.98
C THR D 105 -19.27 -9.51 10.14
N LEU D 106 -17.94 -9.51 9.99
CA LEU D 106 -17.10 -9.07 11.09
C LEU D 106 -17.19 -7.57 11.29
N ASP D 107 -17.25 -6.79 10.21
CA ASP D 107 -17.43 -5.36 10.40
C ASP D 107 -18.71 -5.05 11.17
N ALA D 108 -19.79 -5.77 10.84
CA ALA D 108 -21.07 -5.53 11.49
C ALA D 108 -21.03 -5.87 12.98
N THR D 109 -20.44 -7.00 13.37
CA THR D 109 -20.43 -7.27 14.80
C THR D 109 -19.45 -6.36 15.53
N ILE D 110 -18.35 -5.95 14.88
CA ILE D 110 -17.38 -5.13 15.58
C ILE D 110 -17.89 -3.71 15.79
N GLN D 111 -18.62 -3.16 14.82
CA GLN D 111 -19.11 -1.79 14.94
C GLN D 111 -20.14 -1.63 16.07
N LYS D 112 -20.89 -2.70 16.35
CA LYS D 112 -21.83 -2.79 17.47
C LYS D 112 -21.15 -2.75 18.84
N LYS D 113 -19.88 -3.07 18.93
CA LYS D 113 -19.25 -3.25 20.23
C LYS D 113 -17.99 -2.42 20.42
N GLY D 114 -17.11 -2.36 19.41
CA GLY D 114 -15.82 -1.70 19.58
C GLY D 114 -15.88 -0.19 19.62
N LEU D 115 -14.87 0.40 20.23
CA LEU D 115 -14.83 1.82 20.49
C LEU D 115 -14.00 2.59 19.46
N LEU D 116 -13.66 1.96 18.36
CA LEU D 116 -12.98 2.60 17.23
C LEU D 116 -14.00 3.07 16.21
N SER D 117 -13.70 4.19 15.53
CA SER D 117 -14.51 4.60 14.39
C SER D 117 -14.49 3.51 13.32
N ASN D 118 -15.66 3.24 12.77
CA ASN D 118 -15.81 2.14 11.82
C ASN D 118 -15.60 2.68 10.41
N ARG D 119 -14.50 2.28 9.79
CA ARG D 119 -14.24 2.72 8.42
C ARG D 119 -14.82 1.74 7.40
N GLY D 120 -15.46 0.68 7.86
CA GLY D 120 -16.16 -0.23 7.01
C GLY D 120 -15.36 -1.45 6.54
N SER D 121 -16.07 -2.20 5.71
CA SER D 121 -15.57 -3.37 5.01
C SER D 121 -15.23 -2.91 3.60
N ARG D 122 -14.00 -3.15 3.17
CA ARG D 122 -13.54 -2.60 1.90
C ARG D 122 -12.74 -3.65 1.15
N GLN D 123 -12.76 -3.58 -0.18
CA GLN D 123 -11.97 -4.50 -0.98
C GLN D 123 -10.59 -3.90 -1.23
N GLU D 124 -9.56 -4.66 -0.93
CA GLU D 124 -8.21 -4.16 -1.13
C GLU D 124 -7.26 -5.33 -1.27
N ASN D 125 -6.22 -5.15 -2.10
CA ASN D 125 -5.27 -6.23 -2.37
C ASN D 125 -4.17 -6.25 -1.30
N TYR D 126 -4.19 -7.28 -0.48
CA TYR D 126 -3.07 -7.66 0.37
C TYR D 126 -2.69 -9.07 -0.03
N GLN D 127 -1.39 -9.30 -0.21
CA GLN D 127 -0.95 -10.63 -0.54
C GLN D 127 -1.53 -11.70 0.38
N VAL D 128 -1.60 -11.48 1.70
CA VAL D 128 -2.11 -12.59 2.53
C VAL D 128 -3.56 -12.92 2.25
N LEU D 129 -4.33 -11.98 1.71
CA LEU D 129 -5.67 -12.30 1.22
C LEU D 129 -5.65 -12.88 -0.19
N ALA D 130 -4.87 -12.26 -1.10
CA ALA D 130 -4.92 -12.64 -2.51
C ALA D 130 -4.37 -14.03 -2.73
N GLN D 131 -3.39 -14.44 -1.95
CA GLN D 131 -2.70 -15.69 -2.18
C GLN D 131 -3.49 -16.91 -1.72
N THR D 132 -4.65 -16.73 -1.10
CA THR D 132 -5.33 -17.87 -0.50
C THR D 132 -6.75 -17.99 -1.03
N LYS D 133 -7.22 -19.22 -1.15
CA LYS D 133 -8.64 -19.45 -1.41
C LYS D 133 -9.46 -19.51 -0.12
N VAL D 134 -8.82 -19.39 1.04
CA VAL D 134 -9.53 -19.44 2.33
C VAL D 134 -10.35 -18.17 2.51
N PRO D 135 -11.54 -18.25 3.08
CA PRO D 135 -12.23 -17.03 3.52
C PRO D 135 -11.39 -16.26 4.55
N ALA D 136 -10.91 -15.10 4.15
CA ALA D 136 -9.75 -14.46 4.76
C ALA D 136 -10.00 -12.96 4.76
N VAL D 137 -9.74 -12.32 5.89
CA VAL D 137 -9.91 -10.88 5.99
C VAL D 137 -8.71 -10.31 6.71
N LEU D 138 -8.44 -9.05 6.47
CA LEU D 138 -7.39 -8.38 7.22
C LEU D 138 -8.03 -7.30 8.06
N LEU D 139 -7.75 -7.34 9.36
CA LEU D 139 -8.36 -6.43 10.32
C LEU D 139 -7.37 -5.34 10.68
N GLU D 140 -7.71 -4.11 10.39
CA GLU D 140 -6.91 -2.98 10.88
C GLU D 140 -7.57 -2.48 12.17
N LEU D 141 -7.00 -2.80 13.34
CA LEU D 141 -7.70 -2.53 14.59
C LEU D 141 -7.19 -1.24 15.24
N GLY D 142 -7.53 -0.12 14.61
CA GLY D 142 -7.08 1.20 15.05
C GLY D 142 -5.78 1.62 14.37
N TYR D 143 -5.54 2.95 14.35
CA TYR D 143 -4.29 3.50 13.83
C TYR D 143 -3.30 3.68 14.98
N ILE D 144 -2.18 2.96 14.92
CA ILE D 144 -1.13 3.13 15.91
C ILE D 144 -0.53 4.54 15.85
N SER D 145 -0.66 5.23 14.72
CA SER D 145 -0.22 6.62 14.58
C SER D 145 -1.17 7.65 15.19
N ASN D 146 -2.37 7.24 15.62
CA ASN D 146 -3.34 8.14 16.20
C ASN D 146 -3.27 8.02 17.71
N PRO D 147 -2.91 9.08 18.45
CA PRO D 147 -2.73 8.93 19.91
C PRO D 147 -3.89 8.26 20.63
N THR D 148 -5.12 8.55 20.25
CA THR D 148 -6.26 8.00 20.99
C THR D 148 -6.50 6.52 20.63
N ASP D 149 -6.46 6.17 19.35
CA ASP D 149 -6.48 4.75 19.00
C ASP D 149 -5.36 4.01 19.73
N GLU D 150 -4.18 4.63 19.81
CA GLU D 150 -3.03 4.01 20.46
C GLU D 150 -3.32 3.68 21.92
N THR D 151 -3.96 4.61 22.67
CA THR D 151 -4.36 4.34 24.05
C THR D 151 -5.22 3.09 24.13
N MET D 152 -6.09 2.86 23.14
CA MET D 152 -6.92 1.67 23.13
C MET D 152 -6.16 0.43 22.70
N ILE D 153 -5.33 0.56 21.66
CA ILE D 153 -4.52 -0.57 21.19
C ILE D 153 -3.68 -1.13 22.35
N LYS D 154 -3.10 -0.23 23.17
CA LYS D 154 -2.27 -0.62 24.31
C LYS D 154 -3.07 -1.23 25.45
N ASP D 155 -4.37 -1.08 25.46
CA ASP D 155 -5.16 -1.42 26.62
C ASP D 155 -5.81 -2.78 26.43
N GLN D 156 -5.44 -3.73 27.30
CA GLN D 156 -5.96 -5.09 27.17
C GLN D 156 -7.49 -5.12 27.18
N LEU D 157 -8.12 -4.25 27.97
CA LEU D 157 -9.58 -4.28 28.11
C LEU D 157 -10.27 -3.81 26.84
N HIS D 158 -9.74 -2.80 26.15
CA HIS D 158 -10.33 -2.39 24.89
C HIS D 158 -10.10 -3.44 23.81
N ARG D 159 -8.91 -4.06 23.80
CA ARG D 159 -8.63 -5.13 22.84
C ARG D 159 -9.61 -6.28 23.01
N GLN D 160 -9.99 -6.58 24.26
CA GLN D 160 -10.85 -7.72 24.45
C GLN D 160 -12.27 -7.44 24.01
N ILE D 161 -12.67 -6.16 23.96
CA ILE D 161 -13.93 -5.82 23.32
C ILE D 161 -13.91 -6.24 21.85
N LEU D 162 -12.86 -5.84 21.13
CA LEU D 162 -12.76 -6.13 19.70
C LEU D 162 -12.69 -7.63 19.46
N GLU D 163 -11.90 -8.33 20.29
CA GLU D 163 -11.72 -9.76 20.14
C GLU D 163 -13.03 -10.47 20.35
N GLN D 164 -13.80 -10.08 21.37
CA GLN D 164 -15.08 -10.72 21.59
C GLN D 164 -16.00 -10.49 20.40
N ALA D 165 -16.01 -9.26 19.89
CA ALA D 165 -16.81 -8.92 18.72
C ALA D 165 -16.38 -9.71 17.47
N ILE D 166 -15.07 -9.98 17.33
CA ILE D 166 -14.62 -10.87 16.28
C ILE D 166 -15.14 -12.28 16.50
N VAL D 167 -15.11 -12.78 17.74
CA VAL D 167 -15.70 -14.09 17.99
C VAL D 167 -17.17 -14.10 17.63
N ASP D 168 -17.89 -13.00 17.96
CA ASP D 168 -19.31 -12.96 17.62
C ASP D 168 -19.53 -13.02 16.11
N GLY D 169 -18.66 -12.36 15.33
CA GLY D 169 -18.79 -12.44 13.89
C GLY D 169 -18.56 -13.84 13.37
N LEU D 170 -17.52 -14.51 13.88
CA LEU D 170 -17.25 -15.88 13.47
C LEU D 170 -18.41 -16.80 13.84
N LYS D 171 -18.99 -16.62 15.03
CA LYS D 171 -20.13 -17.45 15.40
C LYS D 171 -21.28 -17.28 14.41
N ILE D 172 -21.56 -16.04 14.00
CA ILE D 172 -22.61 -15.78 13.01
C ILE D 172 -22.20 -16.30 11.63
N TYR D 173 -20.96 -16.02 11.20
CA TYR D 173 -20.55 -16.47 9.88
C TYR D 173 -20.69 -17.97 9.74
N PHE D 174 -20.35 -18.72 10.80
CA PHE D 174 -20.34 -20.18 10.73
C PHE D 174 -21.65 -20.83 11.14
N SER D 175 -22.67 -20.08 11.53
CA SER D 175 -23.98 -20.68 11.78
C SER D 175 -24.91 -20.45 10.60
#